data_6YW1
#
_entry.id   6YW1
#
_cell.length_a   46.531
_cell.length_b   46.531
_cell.length_c   202.345
_cell.angle_alpha   90.000
_cell.angle_beta   90.000
_cell.angle_gamma   120.000
#
_symmetry.space_group_name_H-M   'P 65'
#
loop_
_entity.id
_entity.type
_entity.pdbx_description
1 polymer 'Egl nine homolog 1'
2 polymer 'PHD2-SPECIFIC RaPID CYCLIC PEPTIDE 3C (14-MER)'
3 non-polymer 'MANGANESE (II) ION'
4 non-polymer '2-OXOGLUTARIC ACID'
5 non-polymer 'BICARBONATE ION'
6 water water
#
loop_
_entity_poly.entity_id
_entity_poly.type
_entity_poly.pdbx_seq_one_letter_code
_entity_poly.pdbx_strand_id
1 'polypeptide(L)'
;GSHMASPNGQTKPLPALKLALEYIVPCMNKHGICVVDDFLGKETGQQIGDEVRALHDTGKFTDGQLVSQKSDSSKDIRGD
KITWIEGKEPGCETIGLLMSSMDDLIRHCNGKLGSYKINGRTKAMVACYPGNGTGYVRHVDNPNGDGRCVTCIYYLNKDW
DAKVSGGILRIFPEGKAQFADIEPKFDRLLFFWSDRRNPHEVQPAYATRYAITVWYFDADERARAKVKYLTGE
;
A
2 'polypeptide(L)' (48V)(DTY)VWLTDTWVLSRT B
#
# COMPACT_ATOMS: atom_id res chain seq x y z
N LYS A 12 4.55 16.23 -17.14
CA LYS A 12 4.47 16.93 -15.86
C LYS A 12 3.59 16.14 -14.90
N PRO A 13 4.15 15.68 -13.78
CA PRO A 13 3.32 15.01 -12.77
C PRO A 13 2.42 16.01 -12.05
N LEU A 14 1.22 15.56 -11.72
CA LEU A 14 0.31 16.40 -10.97
C LEU A 14 0.93 16.77 -9.62
N PRO A 15 0.81 18.02 -9.18
CA PRO A 15 1.31 18.38 -7.85
C PRO A 15 0.59 17.60 -6.77
N ALA A 16 1.31 17.33 -5.68
CA ALA A 16 0.77 16.50 -4.59
C ALA A 16 -0.53 17.07 -4.03
N LEU A 17 -0.59 18.37 -3.79
CA LEU A 17 -1.81 18.96 -3.22
C LEU A 17 -3.01 18.72 -4.13
N LYS A 18 -2.84 18.98 -5.42
CA LYS A 18 -3.94 18.79 -6.36
C LYS A 18 -4.30 17.32 -6.48
N LEU A 19 -3.29 16.44 -6.54
CA LEU A 19 -3.57 15.01 -6.59
C LEU A 19 -4.41 14.56 -5.39
N ALA A 20 -4.06 15.05 -4.21
CA ALA A 20 -4.82 14.67 -3.03
C ALA A 20 -6.25 15.19 -3.07
N LEU A 21 -6.41 16.50 -3.27
CA LEU A 21 -7.73 17.10 -3.11
C LEU A 21 -8.67 16.81 -4.26
N GLU A 22 -8.14 16.68 -5.48
CA GLU A 22 -8.99 16.54 -6.65
C GLU A 22 -9.13 15.10 -7.12
N TYR A 23 -8.35 14.17 -6.57
CA TYR A 23 -8.49 12.76 -6.95
C TYR A 23 -8.56 11.87 -5.72
N ILE A 24 -7.53 11.86 -4.88
CA ILE A 24 -7.49 10.84 -3.83
C ILE A 24 -8.72 10.96 -2.93
N VAL A 25 -9.02 12.16 -2.47
CA VAL A 25 -10.14 12.34 -1.55
C VAL A 25 -11.45 11.88 -2.18
N PRO A 26 -11.83 12.39 -3.35
CA PRO A 26 -13.13 11.96 -3.94
C PRO A 26 -13.14 10.50 -4.32
N CYS A 27 -12.00 9.98 -4.75
CA CYS A 27 -11.95 8.59 -5.15
C CYS A 27 -12.12 7.67 -3.95
N MET A 28 -11.43 7.98 -2.86
CA MET A 28 -11.57 7.18 -1.64
C MET A 28 -12.97 7.29 -1.07
N ASN A 29 -13.55 8.49 -1.05
CA ASN A 29 -14.89 8.62 -0.49
C ASN A 29 -15.93 7.93 -1.36
N LYS A 30 -15.69 7.82 -2.67
CA LYS A 30 -16.63 7.14 -3.54
C LYS A 30 -16.45 5.63 -3.52
N HIS A 31 -15.21 5.17 -3.64
CA HIS A 31 -14.95 3.76 -3.90
C HIS A 31 -14.27 3.02 -2.76
N GLY A 32 -13.62 3.73 -1.84
CA GLY A 32 -12.87 3.14 -0.75
C GLY A 32 -11.55 2.51 -1.15
N ILE A 33 -11.17 2.67 -2.42
CA ILE A 33 -9.95 2.17 -3.06
C ILE A 33 -9.51 3.29 -3.97
N CYS A 34 -8.21 3.53 -4.07
CA CYS A 34 -7.69 4.56 -4.95
C CYS A 34 -6.28 4.20 -5.39
N VAL A 35 -6.09 4.12 -6.71
CA VAL A 35 -4.79 3.85 -7.31
C VAL A 35 -4.25 5.12 -7.99
N VAL A 36 -3.01 5.47 -7.66
CA VAL A 36 -2.22 6.48 -8.36
C VAL A 36 -1.06 5.78 -9.06
N ASP A 37 -1.11 5.72 -10.40
CA ASP A 37 0.02 5.20 -11.15
C ASP A 37 1.07 6.29 -11.39
N ASP A 38 2.31 5.85 -11.64
CA ASP A 38 3.44 6.74 -11.92
C ASP A 38 3.62 7.75 -10.78
N PHE A 39 3.56 7.24 -9.55
CA PHE A 39 3.59 8.10 -8.39
C PHE A 39 4.88 8.91 -8.31
N LEU A 40 6.05 8.26 -8.40
CA LEU A 40 7.32 8.94 -8.17
C LEU A 40 8.23 8.99 -9.39
N GLY A 41 7.90 8.30 -10.47
CA GLY A 41 8.72 8.32 -11.66
C GLY A 41 9.74 7.19 -11.69
N LYS A 42 10.33 7.00 -12.87
CA LYS A 42 11.16 5.82 -13.10
C LYS A 42 12.43 5.84 -12.25
N GLU A 43 13.10 6.98 -12.15
N GLU A 43 13.10 6.98 -12.14
CA GLU A 43 14.38 7.05 -11.44
CA GLU A 43 14.37 7.02 -11.44
C GLU A 43 14.20 6.75 -9.96
C GLU A 43 14.21 6.74 -9.96
N THR A 44 13.28 7.45 -9.31
CA THR A 44 13.04 7.23 -7.89
C THR A 44 12.50 5.83 -7.64
N GLY A 45 11.60 5.35 -8.51
CA GLY A 45 11.07 4.01 -8.34
C GLY A 45 12.15 2.95 -8.41
N GLN A 46 13.02 3.06 -9.40
N GLN A 46 13.04 3.06 -9.40
CA GLN A 46 14.13 2.12 -9.52
CA GLN A 46 14.12 2.10 -9.51
C GLN A 46 15.10 2.25 -8.35
C GLN A 46 15.10 2.24 -8.34
N GLN A 47 15.29 3.46 -7.84
N GLN A 47 15.31 3.44 -7.82
CA GLN A 47 16.13 3.64 -6.64
CA GLN A 47 16.15 3.60 -6.64
C GLN A 47 15.53 2.90 -5.45
C GLN A 47 15.54 2.90 -5.44
N ILE A 48 14.22 3.04 -5.25
CA ILE A 48 13.56 2.33 -4.17
C ILE A 48 13.69 0.83 -4.38
N GLY A 49 13.54 0.38 -5.64
CA GLY A 49 13.73 -1.03 -5.93
C GLY A 49 15.12 -1.51 -5.56
N ASP A 50 16.13 -0.71 -5.88
CA ASP A 50 17.50 -1.08 -5.52
C ASP A 50 17.67 -1.19 -4.01
N GLU A 51 17.11 -0.22 -3.27
CA GLU A 51 17.21 -0.27 -1.80
C GLU A 51 16.50 -1.51 -1.24
N VAL A 52 15.34 -1.86 -1.81
CA VAL A 52 14.58 -3.02 -1.34
C VAL A 52 15.34 -4.30 -1.66
N ARG A 53 15.85 -4.41 -2.88
CA ARG A 53 16.62 -5.59 -3.26
C ARG A 53 17.86 -5.71 -2.41
N ALA A 54 18.47 -4.59 -2.03
CA ALA A 54 19.64 -4.64 -1.15
C ALA A 54 19.27 -5.19 0.22
N LEU A 55 18.15 -4.73 0.78
CA LEU A 55 17.69 -5.29 2.05
C LEU A 55 17.44 -6.79 1.93
N HIS A 56 16.80 -7.20 0.83
CA HIS A 56 16.55 -8.61 0.62
C HIS A 56 17.86 -9.39 0.49
N ASP A 57 18.75 -8.91 -0.37
CA ASP A 57 19.98 -9.62 -0.71
C ASP A 57 20.90 -9.73 0.51
N THR A 58 20.84 -8.78 1.43
CA THR A 58 21.68 -8.86 2.60
C THR A 58 21.01 -9.63 3.75
N GLY A 59 19.89 -10.30 3.49
CA GLY A 59 19.24 -11.16 4.50
C GLY A 59 18.43 -10.49 5.59
N LYS A 60 17.92 -9.27 5.34
CA LYS A 60 17.27 -8.49 6.40
C LYS A 60 15.82 -8.90 6.63
N PHE A 61 15.23 -9.71 5.76
N PHE A 61 15.25 -9.74 5.77
CA PHE A 61 13.82 -10.02 5.88
CA PHE A 61 13.83 -10.05 5.88
C PHE A 61 13.61 -11.19 6.85
C PHE A 61 13.61 -11.21 6.85
N THR A 62 12.41 -11.26 7.41
CA THR A 62 11.98 -12.37 8.24
C THR A 62 10.58 -12.82 7.79
N ASP A 63 10.11 -13.96 8.28
CA ASP A 63 8.84 -14.50 7.83
C ASP A 63 7.69 -13.56 8.21
N GLY A 64 6.79 -13.29 7.27
CA GLY A 64 5.64 -12.47 7.58
C GLY A 64 4.62 -13.20 8.44
N GLN A 65 4.56 -14.51 8.32
CA GLN A 65 3.68 -15.34 9.13
C GLN A 65 3.93 -15.12 10.62
N ASP A 76 0.33 -21.17 5.15
CA ASP A 76 -0.96 -21.32 5.81
C ASP A 76 -1.86 -20.09 5.54
N ILE A 77 -1.39 -18.94 5.97
CA ILE A 77 -2.11 -17.69 5.84
C ILE A 77 -1.39 -16.72 4.90
N ARG A 78 -0.07 -16.55 5.10
CA ARG A 78 0.71 -15.62 4.29
C ARG A 78 2.10 -16.17 4.06
N GLY A 79 2.61 -15.99 2.83
CA GLY A 79 3.91 -16.53 2.46
C GLY A 79 4.94 -15.48 2.17
N ASP A 80 4.71 -14.27 2.64
CA ASP A 80 5.65 -13.18 2.44
C ASP A 80 6.78 -13.17 3.47
N LYS A 81 7.84 -12.44 3.12
CA LYS A 81 9.00 -12.18 3.97
C LYS A 81 9.06 -10.67 4.11
N ILE A 82 9.32 -10.17 5.33
CA ILE A 82 9.16 -8.75 5.61
C ILE A 82 10.30 -8.16 6.43
N THR A 83 10.40 -6.84 6.37
CA THR A 83 11.19 -6.09 7.33
C THR A 83 10.57 -4.72 7.49
N TRP A 84 10.71 -4.13 8.67
CA TRP A 84 10.13 -2.83 8.96
C TRP A 84 11.21 -1.77 8.84
N ILE A 85 10.89 -0.66 8.17
CA ILE A 85 11.84 0.39 7.83
C ILE A 85 11.29 1.70 8.40
N GLU A 86 12.08 2.35 9.25
CA GLU A 86 11.73 3.63 9.82
C GLU A 86 11.91 4.77 8.83
N GLY A 87 12.92 4.68 7.96
CA GLY A 87 13.12 5.65 6.90
C GLY A 87 14.44 6.39 6.96
N LYS A 88 15.08 6.45 8.12
CA LYS A 88 16.34 7.14 8.27
C LYS A 88 17.54 6.21 8.27
N GLU A 89 17.32 4.90 8.14
CA GLU A 89 18.43 3.97 8.23
C GLU A 89 19.35 4.17 7.02
N PRO A 90 20.64 3.96 7.19
CA PRO A 90 21.54 4.03 6.04
C PRO A 90 21.15 3.00 5.00
N GLY A 91 21.18 3.42 3.73
CA GLY A 91 20.74 2.59 2.63
C GLY A 91 19.26 2.57 2.37
N CYS A 92 18.45 3.28 3.16
CA CYS A 92 17.00 3.33 2.97
C CYS A 92 16.51 4.76 2.70
N GLU A 93 17.37 5.62 2.18
CA GLU A 93 17.04 7.04 2.02
C GLU A 93 15.85 7.23 1.10
N THR A 94 15.82 6.52 -0.02
CA THR A 94 14.72 6.69 -0.97
C THR A 94 13.44 6.09 -0.43
N ILE A 95 13.54 5.04 0.39
CA ILE A 95 12.34 4.54 1.05
C ILE A 95 11.79 5.60 1.99
N GLY A 96 12.69 6.28 2.72
CA GLY A 96 12.27 7.40 3.54
C GLY A 96 11.60 8.50 2.73
N LEU A 97 12.11 8.76 1.53
CA LEU A 97 11.45 9.74 0.68
C LEU A 97 10.05 9.28 0.28
N LEU A 98 9.91 7.99 -0.03
CA LEU A 98 8.59 7.46 -0.33
C LEU A 98 7.65 7.66 0.85
N MET A 99 8.12 7.37 2.06
CA MET A 99 7.29 7.51 3.25
C MET A 99 6.91 8.98 3.49
N SER A 100 7.85 9.90 3.35
CA SER A 100 7.50 11.31 3.47
C SER A 100 6.53 11.77 2.39
N SER A 101 6.61 11.21 1.17
CA SER A 101 5.65 11.55 0.12
C SER A 101 4.25 11.03 0.42
N MET A 102 4.17 9.81 0.96
CA MET A 102 2.87 9.31 1.42
C MET A 102 2.31 10.22 2.50
N ASP A 103 3.16 10.58 3.48
CA ASP A 103 2.74 11.46 4.56
C ASP A 103 2.24 12.79 4.01
N ASP A 104 2.93 13.34 3.02
CA ASP A 104 2.50 14.62 2.45
C ASP A 104 1.10 14.49 1.87
N LEU A 105 0.85 13.40 1.15
CA LEU A 105 -0.48 13.21 0.56
C LEU A 105 -1.56 13.12 1.63
N ILE A 106 -1.31 12.33 2.68
CA ILE A 106 -2.29 12.24 3.76
C ILE A 106 -2.53 13.61 4.40
N ARG A 107 -1.49 14.39 4.56
CA ARG A 107 -1.60 15.75 5.16
C ARG A 107 -2.46 16.63 4.25
N HIS A 108 -2.19 16.57 2.95
CA HIS A 108 -2.94 17.40 2.00
C HIS A 108 -4.42 17.01 2.00
N CYS A 109 -4.73 15.75 2.33
CA CYS A 109 -6.13 15.33 2.39
C CYS A 109 -6.88 16.08 3.48
N ASN A 110 -6.18 16.67 4.45
CA ASN A 110 -6.75 17.69 5.34
C ASN A 110 -8.06 17.23 5.98
N GLY A 111 -8.05 16.01 6.50
CA GLY A 111 -9.20 15.49 7.22
C GLY A 111 -10.44 15.21 6.40
N LYS A 112 -10.33 15.16 5.08
CA LYS A 112 -11.47 14.91 4.22
C LYS A 112 -11.64 13.43 3.86
N LEU A 113 -10.78 12.56 4.39
CA LEU A 113 -10.92 11.14 4.15
C LEU A 113 -11.93 10.62 5.16
N GLY A 114 -13.14 10.34 4.70
CA GLY A 114 -14.18 9.94 5.62
C GLY A 114 -14.33 10.95 6.72
N SER A 115 -14.60 10.46 7.93
CA SER A 115 -14.64 11.28 9.12
C SER A 115 -13.46 11.01 10.05
N TYR A 116 -12.39 10.44 9.52
CA TYR A 116 -11.24 10.06 10.35
C TYR A 116 -10.41 11.29 10.70
N LYS A 117 -9.71 11.20 11.83
CA LYS A 117 -8.76 12.19 12.33
C LYS A 117 -7.43 11.46 12.34
N ILE A 118 -6.70 11.54 11.23
CA ILE A 118 -5.47 10.78 11.05
C ILE A 118 -4.32 11.51 11.74
N ASN A 119 -3.65 10.84 12.69
CA ASN A 119 -2.57 11.51 13.41
C ASN A 119 -1.28 10.71 13.61
N GLY A 120 -1.21 9.50 13.08
CA GLY A 120 -0.04 8.66 13.26
C GLY A 120 -0.04 7.62 12.17
N ARG A 121 1.03 6.83 12.14
CA ARG A 121 1.12 5.73 11.20
C ARG A 121 2.13 4.73 11.71
N THR A 122 2.18 3.58 11.03
CA THR A 122 3.20 2.58 11.28
C THR A 122 4.50 2.97 10.57
N LYS A 123 5.58 2.26 10.90
CA LYS A 123 6.75 2.19 10.04
C LYS A 123 6.33 1.56 8.72
N ALA A 124 7.25 1.53 7.77
CA ALA A 124 6.99 0.93 6.47
C ALA A 124 7.28 -0.56 6.56
N MET A 125 6.33 -1.37 6.14
CA MET A 125 6.53 -2.80 6.02
C MET A 125 6.97 -3.10 4.59
N VAL A 126 8.24 -3.44 4.42
CA VAL A 126 8.78 -3.88 3.13
C VAL A 126 8.53 -5.36 3.06
N ALA A 127 7.82 -5.81 2.02
CA ALA A 127 7.38 -7.19 1.93
C ALA A 127 7.73 -7.79 0.58
N CYS A 128 8.13 -9.06 0.61
CA CYS A 128 8.46 -9.81 -0.60
C CYS A 128 7.68 -11.12 -0.59
N TYR A 129 6.94 -11.39 -1.67
CA TYR A 129 6.44 -12.71 -1.95
C TYR A 129 7.45 -13.36 -2.89
N PRO A 130 8.21 -14.32 -2.42
CA PRO A 130 9.37 -14.89 -3.18
C PRO A 130 8.96 -15.91 -4.22
N GLY A 131 8.02 -15.55 -5.08
CA GLY A 131 7.52 -16.44 -6.10
C GLY A 131 6.98 -17.74 -5.53
N ASN A 132 7.11 -18.79 -6.31
CA ASN A 132 6.77 -20.14 -5.88
C ASN A 132 5.33 -20.28 -5.39
N GLY A 133 4.45 -19.45 -5.94
CA GLY A 133 3.04 -19.51 -5.61
C GLY A 133 2.66 -18.94 -4.26
N THR A 134 3.55 -18.17 -3.63
CA THR A 134 3.27 -17.56 -2.32
C THR A 134 2.23 -16.46 -2.44
N GLY A 135 1.46 -16.26 -1.38
CA GLY A 135 0.40 -15.28 -1.43
C GLY A 135 -0.05 -14.96 -0.06
N TYR A 136 -1.24 -14.35 0.05
CA TYR A 136 -1.84 -14.01 1.34
C TYR A 136 -3.33 -14.28 1.21
N VAL A 137 -3.84 -15.25 1.99
N VAL A 137 -3.84 -15.25 1.99
CA VAL A 137 -5.25 -15.60 1.92
CA VAL A 137 -5.26 -15.60 1.93
C VAL A 137 -6.11 -14.38 2.25
C VAL A 137 -6.12 -14.40 2.29
N ARG A 138 -7.36 -14.42 1.81
CA ARG A 138 -8.30 -13.34 2.05
C ARG A 138 -8.37 -12.97 3.54
N HIS A 139 -8.26 -11.67 3.78
CA HIS A 139 -8.24 -11.14 5.13
C HIS A 139 -8.68 -9.69 5.10
N VAL A 140 -8.97 -9.17 6.29
CA VAL A 140 -9.20 -7.75 6.55
C VAL A 140 -8.01 -7.27 7.35
N ASP A 141 -7.46 -6.12 6.97
CA ASP A 141 -6.27 -5.65 7.66
C ASP A 141 -6.55 -5.34 9.12
N ASN A 142 -7.58 -4.55 9.39
CA ASN A 142 -7.98 -4.16 10.75
C ASN A 142 -9.42 -4.55 11.02
N PRO A 143 -9.68 -5.79 11.42
CA PRO A 143 -11.04 -6.19 11.75
C PRO A 143 -11.45 -5.97 13.20
N ASN A 144 -10.53 -5.59 14.09
CA ASN A 144 -10.78 -5.57 15.53
C ASN A 144 -10.69 -4.17 16.14
N GLY A 145 -10.68 -3.14 15.32
CA GLY A 145 -10.74 -1.79 15.83
C GLY A 145 -9.43 -1.31 16.38
N ASP A 146 -8.32 -1.65 15.73
CA ASP A 146 -7.01 -1.36 16.26
C ASP A 146 -6.49 0.03 15.93
N GLY A 147 -7.29 0.86 15.25
CA GLY A 147 -6.95 2.22 14.92
C GLY A 147 -6.57 2.47 13.47
N ARG A 148 -6.14 1.43 12.76
CA ARG A 148 -5.71 1.63 11.38
C ARG A 148 -6.92 1.88 10.48
N CYS A 149 -6.91 3.02 9.78
CA CYS A 149 -8.03 3.42 8.95
C CYS A 149 -7.71 3.39 7.46
N VAL A 150 -6.46 3.64 7.07
CA VAL A 150 -6.09 3.66 5.66
C VAL A 150 -4.84 2.83 5.46
N THR A 151 -4.90 1.91 4.51
CA THR A 151 -3.75 1.13 4.06
C THR A 151 -3.19 1.81 2.83
N CYS A 152 -1.87 2.03 2.81
CA CYS A 152 -1.19 2.70 1.71
C CYS A 152 -0.03 1.81 1.26
N ILE A 153 -0.07 1.38 0.00
CA ILE A 153 0.90 0.43 -0.53
C ILE A 153 1.56 1.01 -1.76
N TYR A 154 2.88 0.89 -1.84
CA TYR A 154 3.64 1.25 -3.04
C TYR A 154 4.29 0.00 -3.64
N TYR A 155 4.08 -0.20 -4.94
CA TYR A 155 4.58 -1.36 -5.67
C TYR A 155 5.79 -0.96 -6.51
N LEU A 156 6.75 -1.86 -6.60
CA LEU A 156 8.04 -1.48 -7.18
C LEU A 156 8.56 -2.55 -8.13
N ASN A 157 7.67 -3.24 -8.82
CA ASN A 157 8.02 -4.38 -9.65
C ASN A 157 8.09 -4.00 -11.10
N LYS A 158 9.32 -3.74 -11.56
CA LYS A 158 9.53 -3.29 -12.93
C LYS A 158 9.03 -4.36 -13.88
N ASP A 159 8.17 -3.95 -14.80
CA ASP A 159 7.69 -4.81 -15.87
C ASP A 159 6.83 -5.96 -15.35
N TRP A 160 6.23 -5.84 -14.17
CA TRP A 160 5.39 -6.91 -13.68
C TRP A 160 4.19 -7.07 -14.60
N ASP A 161 3.88 -8.32 -14.93
CA ASP A 161 2.73 -8.68 -15.75
C ASP A 161 2.05 -9.87 -15.09
N ALA A 162 0.86 -9.64 -14.52
CA ALA A 162 0.14 -10.69 -13.84
C ALA A 162 -0.15 -11.88 -14.75
N LYS A 163 -0.19 -11.66 -16.07
CA LYS A 163 -0.36 -12.77 -17.02
C LYS A 163 0.73 -13.81 -16.84
N VAL A 164 1.95 -13.37 -16.58
CA VAL A 164 3.08 -14.27 -16.38
C VAL A 164 3.27 -14.62 -14.91
N SER A 165 3.22 -13.63 -14.02
CA SER A 165 3.74 -13.74 -12.66
C SER A 165 2.66 -13.75 -11.59
N GLY A 166 1.39 -13.59 -11.94
CA GLY A 166 0.34 -13.63 -10.94
C GLY A 166 0.42 -12.46 -9.98
N GLY A 167 0.19 -12.75 -8.70
CA GLY A 167 0.40 -11.76 -7.65
C GLY A 167 -0.59 -10.60 -7.59
N ILE A 168 -1.76 -10.76 -8.19
CA ILE A 168 -2.75 -9.71 -8.12
C ILE A 168 -3.23 -9.56 -6.68
N LEU A 169 -3.41 -8.32 -6.26
CA LEU A 169 -4.17 -8.02 -5.05
C LEU A 169 -5.63 -7.91 -5.47
N ARG A 170 -6.45 -8.85 -5.02
CA ARG A 170 -7.89 -8.80 -5.26
C ARG A 170 -8.61 -8.29 -4.01
N ILE A 171 -9.30 -7.19 -4.17
CA ILE A 171 -10.09 -6.60 -3.11
C ILE A 171 -11.56 -6.90 -3.36
N PHE A 172 -12.31 -7.15 -2.28
CA PHE A 172 -13.71 -7.56 -2.33
C PHE A 172 -14.54 -6.51 -1.59
N PRO A 173 -14.65 -5.30 -2.12
CA PRO A 173 -15.35 -4.25 -1.37
C PRO A 173 -16.78 -4.64 -0.99
N GLU A 174 -17.13 -4.38 0.26
N GLU A 174 -17.14 -4.42 0.26
CA GLU A 174 -18.47 -4.72 0.74
CA GLU A 174 -18.47 -4.78 0.72
C GLU A 174 -19.51 -3.88 0.01
C GLU A 174 -19.52 -3.90 0.05
N GLY A 175 -20.68 -4.49 -0.22
CA GLY A 175 -21.76 -3.80 -0.90
C GLY A 175 -21.66 -3.78 -2.41
N LYS A 176 -20.57 -4.29 -2.97
CA LYS A 176 -20.40 -4.43 -4.41
C LYS A 176 -20.31 -5.91 -4.76
N ALA A 177 -20.93 -6.29 -5.86
CA ALA A 177 -20.89 -7.68 -6.28
C ALA A 177 -19.59 -8.03 -7.00
N GLN A 178 -18.94 -7.03 -7.63
CA GLN A 178 -17.71 -7.25 -8.38
C GLN A 178 -16.50 -6.99 -7.49
N PHE A 179 -15.43 -7.71 -7.77
CA PHE A 179 -14.17 -7.50 -7.08
C PHE A 179 -13.31 -6.56 -7.89
N ALA A 180 -12.28 -6.04 -7.23
CA ALA A 180 -11.35 -5.09 -7.81
C ALA A 180 -9.96 -5.70 -7.82
N ASP A 181 -9.41 -5.91 -9.01
CA ASP A 181 -8.08 -6.48 -9.15
C ASP A 181 -7.04 -5.37 -9.33
N ILE A 182 -6.01 -5.42 -8.50
CA ILE A 182 -4.94 -4.44 -8.49
C ILE A 182 -3.65 -5.18 -8.83
N GLU A 183 -3.11 -4.93 -10.04
CA GLU A 183 -1.80 -5.50 -10.33
C GLU A 183 -0.71 -4.76 -9.58
N PRO A 184 0.34 -5.46 -9.11
CA PRO A 184 1.40 -4.80 -8.32
C PRO A 184 2.43 -4.10 -9.20
N LYS A 185 1.94 -3.17 -10.02
N LYS A 185 1.94 -3.17 -10.03
CA LYS A 185 2.70 -2.52 -11.08
CA LYS A 185 2.70 -2.52 -11.08
C LYS A 185 3.80 -1.63 -10.50
C LYS A 185 3.80 -1.63 -10.51
N PHE A 186 4.91 -1.55 -11.21
CA PHE A 186 5.98 -0.64 -10.83
C PHE A 186 5.45 0.79 -10.68
N ASP A 187 5.82 1.48 -9.59
CA ASP A 187 5.52 2.90 -9.36
C ASP A 187 4.04 3.16 -9.11
N ARG A 188 3.32 2.13 -8.69
CA ARG A 188 1.91 2.26 -8.38
C ARG A 188 1.73 2.45 -6.88
N LEU A 189 0.93 3.46 -6.52
CA LEU A 189 0.54 3.71 -5.14
C LEU A 189 -0.94 3.42 -4.97
N LEU A 190 -1.29 2.77 -3.88
CA LEU A 190 -2.64 2.30 -3.64
C LEU A 190 -3.04 2.72 -2.24
N PHE A 191 -4.26 3.22 -2.11
CA PHE A 191 -4.92 3.44 -0.83
C PHE A 191 -6.20 2.60 -0.76
N PHE A 192 -6.53 2.10 0.42
CA PHE A 192 -7.87 1.57 0.66
C PHE A 192 -8.22 1.61 2.14
N TRP A 193 -9.51 1.69 2.44
CA TRP A 193 -9.93 1.61 3.84
C TRP A 193 -9.47 0.28 4.41
N SER A 194 -8.87 0.32 5.61
CA SER A 194 -8.27 -0.86 6.23
C SER A 194 -9.26 -1.75 6.98
N ASP A 195 -10.47 -1.26 7.25
CA ASP A 195 -11.48 -1.98 8.02
C ASP A 195 -12.20 -3.02 7.17
N ARG A 196 -13.30 -3.55 7.70
N ARG A 196 -13.30 -3.56 7.70
CA ARG A 196 -13.99 -4.69 7.10
CA ARG A 196 -13.99 -4.69 7.10
C ARG A 196 -14.62 -4.38 5.75
C ARG A 196 -14.57 -4.38 5.74
N ARG A 197 -14.64 -3.11 5.34
CA ARG A 197 -15.15 -2.80 4.02
C ARG A 197 -14.31 -3.45 2.93
N ASN A 198 -13.03 -3.70 3.18
CA ASN A 198 -12.12 -4.15 2.12
C ASN A 198 -11.37 -5.43 2.46
N PRO A 199 -12.06 -6.56 2.56
CA PRO A 199 -11.35 -7.85 2.54
C PRO A 199 -10.57 -7.97 1.25
N HIS A 200 -9.41 -8.62 1.32
CA HIS A 200 -8.55 -8.74 0.15
C HIS A 200 -7.59 -9.92 0.30
N GLU A 201 -7.09 -10.35 -0.85
CA GLU A 201 -6.15 -11.44 -0.92
C GLU A 201 -5.02 -11.08 -1.87
N VAL A 202 -3.82 -11.58 -1.58
CA VAL A 202 -2.73 -11.58 -2.56
C VAL A 202 -2.72 -12.94 -3.25
N GLN A 203 -3.08 -12.95 -4.53
CA GLN A 203 -3.13 -14.19 -5.30
C GLN A 203 -1.73 -14.72 -5.54
N PRO A 204 -1.60 -16.02 -5.78
CA PRO A 204 -0.26 -16.63 -5.88
C PRO A 204 0.66 -15.87 -6.81
N ALA A 205 1.87 -15.64 -6.32
CA ALA A 205 2.91 -14.93 -7.04
C ALA A 205 3.95 -15.94 -7.55
N TYR A 206 4.35 -15.78 -8.82
CA TYR A 206 5.29 -16.68 -9.48
C TYR A 206 6.59 -15.99 -9.89
N ALA A 207 6.84 -14.82 -9.35
CA ALA A 207 8.09 -14.10 -9.46
C ALA A 207 8.23 -13.32 -8.16
N THR A 208 9.42 -12.78 -7.94
N THR A 208 9.43 -12.81 -7.91
CA THR A 208 9.66 -12.00 -6.73
CA THR A 208 9.66 -12.00 -6.72
C THR A 208 8.83 -10.72 -6.77
C THR A 208 8.81 -10.75 -6.79
N ARG A 209 7.87 -10.64 -5.84
CA ARG A 209 6.95 -9.47 -5.78
C ARG A 209 7.25 -8.63 -4.53
N TYR A 210 7.60 -7.36 -4.73
CA TYR A 210 7.89 -6.44 -3.64
C TYR A 210 6.82 -5.36 -3.48
N ALA A 211 6.56 -4.99 -2.24
CA ALA A 211 5.67 -3.86 -1.98
C ALA A 211 6.05 -3.26 -0.65
N ILE A 212 5.67 -2.01 -0.45
CA ILE A 212 5.94 -1.31 0.80
C ILE A 212 4.63 -0.74 1.31
N THR A 213 4.22 -1.16 2.51
CA THR A 213 2.97 -0.71 3.11
C THR A 213 3.21 0.18 4.34
N VAL A 214 2.45 1.27 4.42
CA VAL A 214 2.27 2.01 5.67
C VAL A 214 0.79 2.02 5.97
N TRP A 215 0.43 1.91 7.25
CA TRP A 215 -0.95 2.07 7.69
C TRP A 215 -1.04 3.35 8.49
N TYR A 216 -2.08 4.14 8.21
CA TYR A 216 -2.36 5.39 8.92
C TYR A 216 -3.43 5.17 9.98
N PHE A 217 -3.26 5.82 11.12
CA PHE A 217 -4.12 5.63 12.29
C PHE A 217 -5.10 6.79 12.45
N ASP A 218 -6.35 6.45 12.78
N ASP A 218 -6.34 6.45 12.78
CA ASP A 218 -7.29 7.39 13.36
CA ASP A 218 -7.28 7.40 13.36
C ASP A 218 -6.98 7.54 14.85
C ASP A 218 -6.98 7.54 14.85
N ALA A 219 -6.81 8.79 15.31
CA ALA A 219 -6.30 9.01 16.66
C ALA A 219 -7.25 8.45 17.72
N ASP A 220 -8.56 8.62 17.50
N ASP A 220 -8.56 8.62 17.51
CA ASP A 220 -9.52 8.20 18.51
CA ASP A 220 -9.52 8.20 18.52
C ASP A 220 -9.58 6.69 18.59
C ASP A 220 -9.58 6.68 18.59
N GLU A 221 -9.76 6.03 17.45
CA GLU A 221 -9.85 4.58 17.44
C GLU A 221 -8.60 4.00 18.09
N ARG A 222 -7.43 4.51 17.71
CA ARG A 222 -6.19 3.97 18.25
C ARG A 222 -6.14 4.13 19.76
N ALA A 223 -6.62 5.28 20.25
CA ALA A 223 -6.57 5.58 21.68
C ALA A 223 -7.51 4.70 22.49
N ARG A 224 -8.57 4.16 21.87
CA ARG A 224 -9.44 3.22 22.57
C ARG A 224 -8.74 1.91 22.98
N ALA A 225 -7.55 1.63 22.47
CA ALA A 225 -6.73 0.49 22.91
C ALA A 225 -7.52 -0.83 22.95
N LYS A 226 -8.17 -1.14 21.83
CA LYS A 226 -8.88 -2.41 21.73
C LYS A 226 -7.91 -3.58 21.62
N VAL A 227 -6.66 -3.31 21.31
CA VAL A 227 -5.63 -4.34 21.16
C VAL A 227 -4.50 -4.00 22.12
N LYS A 228 -4.16 -4.94 23.00
CA LYS A 228 -3.01 -4.80 23.88
C LYS A 228 -1.93 -5.78 23.46
N TYR A 229 -0.71 -5.27 23.27
CA TYR A 229 0.40 -6.07 22.76
C TYR A 229 1.32 -6.38 23.94
N LEU A 230 1.35 -7.65 24.32
CA LEU A 230 2.16 -8.08 25.47
C LEU A 230 3.54 -8.59 25.04
N VAL B 3 -7.03 12.69 -16.87
CA VAL B 3 -8.45 12.35 -16.86
C VAL B 3 -8.79 11.23 -15.89
N TRP B 4 -9.75 11.46 -15.01
CA TRP B 4 -10.26 10.43 -14.11
C TRP B 4 -11.63 9.98 -14.62
N LEU B 5 -11.74 8.71 -14.98
CA LEU B 5 -13.05 8.12 -15.24
C LEU B 5 -13.63 7.76 -13.86
N THR B 6 -14.61 8.53 -13.42
CA THR B 6 -15.01 8.51 -12.01
C THR B 6 -15.66 7.20 -11.58
N ASP B 7 -16.12 6.37 -12.50
CA ASP B 7 -16.59 5.03 -12.15
C ASP B 7 -15.46 4.06 -11.86
N THR B 8 -14.21 4.47 -12.10
CA THR B 8 -13.02 3.65 -11.88
C THR B 8 -12.23 4.28 -10.75
N TRP B 9 -11.15 3.60 -10.36
CA TRP B 9 -10.33 4.02 -9.24
C TRP B 9 -8.84 4.02 -9.60
N VAL B 10 -8.53 4.30 -10.85
CA VAL B 10 -7.15 4.39 -11.33
C VAL B 10 -6.96 5.70 -12.05
N LEU B 11 -5.83 6.34 -11.79
CA LEU B 11 -5.43 7.55 -12.48
C LEU B 11 -3.91 7.56 -12.51
N SER B 12 -3.36 7.95 -13.67
CA SER B 12 -1.91 8.12 -13.78
C SER B 12 -1.55 9.55 -13.40
N ARG B 13 -0.51 9.70 -12.57
CA ARG B 13 -0.10 11.01 -12.10
C ARG B 13 0.56 11.84 -13.18
N THR B 14 0.99 11.18 -14.23
CA THR B 14 1.67 11.82 -15.40
C THR B 14 0.83 11.68 -16.65
#